data_4PBC
#
_entry.id   4PBC
#
_cell.length_a   44.080
_cell.length_b   102.970
_cell.length_c   152.220
_cell.angle_alpha   90.000
_cell.angle_beta   90.000
_cell.angle_gamma   90.000
#
_symmetry.space_group_name_H-M   'P 21 21 21'
#
loop_
_entity.id
_entity.type
_entity.pdbx_description
1 polymer 'D-amino acid aminotransferase'
2 non-polymer 'PHOSPHATE ION'
3 water water
#
_entity_poly.entity_id   1
_entity_poly.type   'polypeptide(L)'
_entity_poly.pdbx_seq_one_letter_code
;MAHHHHHHMSQAEFEPIVYLSVSAQEELVPLSEARVPVLDRGFIFGDGVYEVVPVYAHDGAHVPFRIEQHLDRLARSLKK
IGIDNPHDAAGWRALIERVVAANAEGLGDGNALVYLQVTRGVAKRGHAFPANAVPTVFAMTSPLRLPSEEERAKGVRCVT
AEDRRWLHCDIKSISLLGNVLMAQHAAERDAFETIQLRDENVTEGSSSNVWIVKNGELFAPPRSNKILEGIRYALVEQLA
DECGIRFVAREISEVELRSADEIMLTSATKEILPVTSLDDLPVQGGKPGPVFAALYDAYQRAKAREFEQFDLTRRK
;
_entity_poly.pdbx_strand_id   A,B
#
loop_
_chem_comp.id
_chem_comp.type
_chem_comp.name
_chem_comp.formula
PO4 non-polymer 'PHOSPHATE ION' 'O4 P -3'
#
# COMPACT_ATOMS: atom_id res chain seq x y z
N GLU A 15 27.52 10.65 -4.94
CA GLU A 15 26.11 10.43 -5.32
C GLU A 15 25.82 8.99 -5.73
N PRO A 16 24.75 8.38 -5.15
CA PRO A 16 24.33 7.01 -5.52
C PRO A 16 24.08 6.95 -7.02
N ILE A 17 24.54 5.88 -7.67
CA ILE A 17 24.19 5.56 -9.06
C ILE A 17 23.14 4.46 -9.00
N VAL A 18 22.00 4.62 -9.69
CA VAL A 18 20.90 3.64 -9.60
C VAL A 18 20.52 3.11 -10.96
N TYR A 19 19.84 1.97 -10.95
CA TYR A 19 19.32 1.33 -12.18
C TYR A 19 17.82 1.46 -12.20
N LEU A 20 17.28 1.87 -13.36
CA LEU A 20 15.85 2.01 -13.49
C LEU A 20 15.45 1.53 -14.86
N SER A 21 14.45 0.66 -14.89
CA SER A 21 13.86 0.18 -16.17
C SER A 21 12.37 0.48 -16.16
N VAL A 22 11.88 1.26 -17.13
CA VAL A 22 10.43 1.61 -17.18
C VAL A 22 9.98 1.46 -18.62
N SER A 23 8.82 0.80 -18.83
CA SER A 23 8.31 0.60 -20.21
C SER A 23 9.40 0.07 -21.16
N ALA A 24 10.20 -0.85 -20.63
CA ALA A 24 11.19 -1.60 -21.40
C ALA A 24 12.36 -0.73 -21.89
N GLN A 25 12.54 0.42 -21.28
CA GLN A 25 13.77 1.22 -21.50
C GLN A 25 14.57 1.21 -20.16
N GLU A 26 15.88 1.04 -20.20
CA GLU A 26 16.67 0.97 -18.92
C GLU A 26 17.73 2.07 -18.89
N GLU A 27 18.23 2.43 -17.71
CA GLU A 27 19.29 3.43 -17.62
C GLU A 27 20.03 3.12 -16.30
N LEU A 28 21.28 3.57 -16.25
CA LEU A 28 22.09 3.47 -15.06
C LEU A 28 22.56 4.92 -14.85
N VAL A 29 22.00 5.59 -13.85
CA VAL A 29 22.13 7.05 -13.72
C VAL A 29 22.34 7.53 -12.28
N PRO A 30 22.88 8.74 -12.14
CA PRO A 30 22.95 9.33 -10.81
C PRO A 30 21.52 9.46 -10.26
N LEU A 31 21.42 9.25 -8.95
CA LEU A 31 20.12 9.22 -8.26
C LEU A 31 19.28 10.44 -8.62
N SER A 32 19.92 11.60 -8.67
CA SER A 32 19.19 12.83 -8.97
C SER A 32 18.50 12.83 -10.34
N GLU A 33 18.90 11.90 -11.22
CA GLU A 33 18.35 11.87 -12.57
C GLU A 33 17.28 10.79 -12.72
N ALA A 34 17.04 9.96 -11.69
CA ALA A 34 16.18 8.80 -11.78
C ALA A 34 14.76 9.19 -11.38
N ARG A 35 13.85 9.13 -12.34
CA ARG A 35 12.46 9.56 -12.10
C ARG A 35 11.50 8.59 -12.78
N VAL A 36 10.32 8.40 -12.16
CA VAL A 36 9.36 7.47 -12.77
CA VAL A 36 9.30 7.45 -12.58
C VAL A 36 8.08 8.20 -13.14
N PRO A 37 7.45 7.73 -14.22
CA PRO A 37 6.19 8.34 -14.70
C PRO A 37 5.17 8.31 -13.61
N VAL A 38 4.40 9.40 -13.53
CA VAL A 38 3.43 9.53 -12.45
C VAL A 38 2.36 8.45 -12.50
N LEU A 39 2.05 7.87 -13.66
CA LEU A 39 1.05 6.79 -13.64
C LEU A 39 1.69 5.37 -13.45
N ASP A 40 2.95 5.31 -13.06
CA ASP A 40 3.50 4.01 -12.65
C ASP A 40 2.61 3.46 -11.51
N ARG A 41 2.19 2.20 -11.64
CA ARG A 41 1.29 1.66 -10.58
C ARG A 41 1.96 1.49 -9.21
N GLY A 42 3.28 1.58 -9.18
CA GLY A 42 4.01 1.65 -7.91
C GLY A 42 3.71 2.97 -7.15
N PHE A 43 3.58 4.07 -7.90
CA PHE A 43 3.21 5.36 -7.34
C PHE A 43 1.71 5.53 -7.02
N ILE A 44 0.85 5.10 -7.95
CA ILE A 44 -0.62 5.32 -7.83
C ILE A 44 -1.27 4.30 -6.85
N PHE A 45 -0.81 3.04 -6.93
CA PHE A 45 -1.51 1.94 -6.25
C PHE A 45 -0.62 1.10 -5.27
N GLY A 46 0.66 1.38 -5.14
CA GLY A 46 1.50 0.55 -4.25
C GLY A 46 1.58 -0.88 -4.82
N ASP A 47 1.56 -0.98 -6.14
CA ASP A 47 1.31 -2.30 -6.80
C ASP A 47 2.66 -2.85 -7.19
N GLY A 48 3.36 -3.49 -6.24
CA GLY A 48 4.71 -3.96 -6.52
C GLY A 48 5.29 -4.65 -5.29
N VAL A 49 6.49 -5.22 -5.45
CA VAL A 49 7.16 -5.94 -4.37
C VAL A 49 8.62 -5.45 -4.26
N TYR A 50 9.30 -5.77 -3.16
CA TYR A 50 10.69 -5.41 -3.06
C TYR A 50 11.47 -6.56 -2.39
N GLU A 51 12.79 -6.49 -2.48
CA GLU A 51 13.67 -7.47 -1.78
C GLU A 51 14.92 -6.71 -1.43
N VAL A 52 15.52 -6.99 -0.27
CA VAL A 52 16.84 -6.38 0.09
C VAL A 52 17.95 -7.42 0.23
N VAL A 53 19.06 -7.22 -0.47
CA VAL A 53 20.18 -8.19 -0.37
C VAL A 53 21.34 -7.51 0.34
N PRO A 54 21.78 -8.03 1.50
CA PRO A 54 22.95 -7.44 2.16
C PRO A 54 24.20 -7.76 1.33
N VAL A 55 25.11 -6.80 1.19
CA VAL A 55 26.35 -7.06 0.47
C VAL A 55 27.51 -6.63 1.40
N TYR A 56 28.20 -7.63 1.97
CA TYR A 56 29.22 -7.38 3.02
C TYR A 56 30.58 -7.04 2.46
N ALA A 57 31.25 -6.11 3.11
CA ALA A 57 32.65 -5.85 2.76
C ALA A 57 33.54 -7.03 3.22
N HIS A 58 34.41 -7.52 2.33
CA HIS A 58 35.33 -8.63 2.64
C HIS A 58 36.53 -8.64 1.69
N ASP A 59 37.72 -8.41 2.24
CA ASP A 59 38.97 -8.59 1.48
C ASP A 59 38.95 -7.71 0.22
N GLY A 60 38.35 -6.52 0.36
CA GLY A 60 38.32 -5.52 -0.71
C GLY A 60 37.27 -5.78 -1.77
N ALA A 61 36.39 -6.74 -1.52
CA ALA A 61 35.26 -6.99 -2.41
C ALA A 61 33.97 -6.77 -1.65
N HIS A 62 32.87 -6.88 -2.35
CA HIS A 62 31.58 -6.73 -1.73
C HIS A 62 30.79 -7.98 -2.01
N VAL A 63 30.48 -8.74 -0.96
CA VAL A 63 30.04 -10.10 -1.17
C VAL A 63 28.58 -10.23 -0.77
N PRO A 64 27.69 -10.57 -1.73
CA PRO A 64 26.26 -10.71 -1.38
C PRO A 64 26.08 -11.91 -0.51
N PHE A 65 25.10 -11.83 0.36
CA PHE A 65 24.81 -12.84 1.34
C PHE A 65 23.45 -13.45 1.05
N ARG A 66 23.38 -14.78 1.01
CA ARG A 66 22.15 -15.52 0.73
C ARG A 66 21.49 -14.98 -0.50
N ILE A 67 22.33 -14.74 -1.54
CA ILE A 67 21.72 -14.12 -2.72
C ILE A 67 20.69 -15.05 -3.35
N GLU A 68 20.92 -16.38 -3.31
CA GLU A 68 19.98 -17.28 -3.99
C GLU A 68 18.66 -17.32 -3.21
N GLN A 69 18.70 -17.29 -1.87
CA GLN A 69 17.45 -17.30 -1.09
C GLN A 69 16.64 -16.04 -1.22
N HIS A 70 17.34 -14.92 -1.30
CA HIS A 70 16.67 -13.64 -1.49
C HIS A 70 16.02 -13.57 -2.87
N LEU A 71 16.71 -14.03 -3.90
CA LEU A 71 16.14 -13.97 -5.24
C LEU A 71 14.97 -14.94 -5.38
N ASP A 72 15.02 -16.05 -4.63
CA ASP A 72 13.90 -17.01 -4.62
CA ASP A 72 13.91 -17.02 -4.59
C ASP A 72 12.68 -16.37 -3.96
N ARG A 73 12.89 -15.62 -2.89
CA ARG A 73 11.79 -14.96 -2.25
C ARG A 73 11.19 -13.90 -3.15
N LEU A 74 12.05 -13.12 -3.81
CA LEU A 74 11.55 -12.11 -4.77
C LEU A 74 10.69 -12.81 -5.86
N ALA A 75 11.18 -13.95 -6.39
CA ALA A 75 10.42 -14.65 -7.42
C ALA A 75 9.04 -15.10 -6.87
N ARG A 76 9.00 -15.56 -5.60
CA ARG A 76 7.71 -15.95 -4.98
C ARG A 76 6.79 -14.75 -4.72
N SER A 77 7.35 -13.65 -4.25
CA SER A 77 6.51 -12.43 -4.10
C SER A 77 5.87 -11.99 -5.40
N LEU A 78 6.65 -12.02 -6.49
CA LEU A 78 6.14 -11.63 -7.79
C LEU A 78 5.02 -12.59 -8.24
N LYS A 79 5.28 -13.90 -8.14
CA LYS A 79 4.25 -14.87 -8.47
C LYS A 79 3.00 -14.62 -7.63
N LYS A 80 3.16 -14.23 -6.36
CA LYS A 80 1.99 -14.14 -5.50
C LYS A 80 1.06 -13.01 -6.01
N ILE A 81 1.63 -11.98 -6.65
CA ILE A 81 0.79 -10.89 -7.19
C ILE A 81 0.72 -10.82 -8.70
N GLY A 82 1.16 -11.88 -9.36
CA GLY A 82 0.85 -12.05 -10.78
C GLY A 82 1.73 -11.17 -11.67
N ILE A 83 2.90 -10.82 -11.18
CA ILE A 83 3.85 -10.16 -12.05
C ILE A 83 4.92 -11.16 -12.56
N ASP A 84 5.00 -11.35 -13.89
CA ASP A 84 6.06 -12.20 -14.47
C ASP A 84 7.46 -11.69 -14.13
N ASN A 85 8.31 -12.56 -13.60
CA ASN A 85 9.64 -12.17 -13.15
C ASN A 85 10.45 -11.61 -14.33
N PRO A 86 10.93 -10.38 -14.22
CA PRO A 86 11.69 -9.80 -15.35
C PRO A 86 13.06 -10.42 -15.65
N HIS A 87 13.63 -11.11 -14.69
CA HIS A 87 14.93 -11.74 -14.88
C HIS A 87 14.97 -13.17 -14.34
N ASP A 88 15.82 -14.03 -14.91
CA ASP A 88 16.10 -15.28 -14.20
C ASP A 88 17.16 -15.05 -13.12
N ALA A 89 17.63 -16.09 -12.42
CA ALA A 89 18.54 -15.83 -11.31
C ALA A 89 19.83 -15.20 -11.81
N ALA A 90 20.37 -15.69 -12.92
CA ALA A 90 21.64 -15.17 -13.44
C ALA A 90 21.47 -13.68 -13.78
N GLY A 91 20.30 -13.36 -14.32
CA GLY A 91 20.00 -11.98 -14.74
C GLY A 91 19.96 -11.02 -13.56
N TRP A 92 19.32 -11.45 -12.49
CA TRP A 92 19.29 -10.63 -11.27
C TRP A 92 20.70 -10.48 -10.65
N ARG A 93 21.47 -11.57 -10.59
CA ARG A 93 22.84 -11.51 -10.08
C ARG A 93 23.67 -10.52 -10.86
N ALA A 94 23.52 -10.55 -12.18
CA ALA A 94 24.29 -9.65 -13.03
C ALA A 94 23.89 -8.19 -12.75
N LEU A 95 22.60 -7.95 -12.59
CA LEU A 95 22.11 -6.60 -12.30
C LEU A 95 22.62 -6.11 -10.94
N ILE A 96 22.55 -6.98 -9.93
CA ILE A 96 23.09 -6.67 -8.61
C ILE A 96 24.60 -6.35 -8.68
N GLU A 97 25.36 -7.20 -9.38
CA GLU A 97 26.83 -7.03 -9.54
C GLU A 97 27.11 -5.66 -10.18
N ARG A 98 26.29 -5.31 -11.16
CA ARG A 98 26.45 -4.06 -11.92
C ARG A 98 26.26 -2.83 -11.05
N VAL A 99 25.22 -2.86 -10.22
CA VAL A 99 24.82 -1.71 -9.41
C VAL A 99 25.82 -1.57 -8.27
N VAL A 100 26.25 -2.68 -7.69
CA VAL A 100 27.26 -2.56 -6.64
C VAL A 100 28.56 -1.99 -7.21
N ALA A 101 29.01 -2.51 -8.36
CA ALA A 101 30.26 -2.01 -8.90
C ALA A 101 30.20 -0.54 -9.28
N ALA A 102 29.01 -0.06 -9.71
CA ALA A 102 28.89 1.34 -10.14
C ALA A 102 28.97 2.27 -8.93
N ASN A 103 28.79 1.69 -7.74
CA ASN A 103 28.84 2.46 -6.50
C ASN A 103 30.07 2.15 -5.65
N ALA A 104 31.06 1.51 -6.28
CA ALA A 104 32.25 1.04 -5.55
C ALA A 104 32.96 2.11 -4.69
N GLU A 105 33.18 3.29 -5.29
CA GLU A 105 33.91 4.35 -4.60
C GLU A 105 33.11 4.86 -3.43
N GLY A 106 31.80 5.02 -3.63
CA GLY A 106 30.96 5.53 -2.57
C GLY A 106 30.81 4.53 -1.42
N LEU A 107 30.81 3.23 -1.75
CA LEU A 107 30.68 2.21 -0.69
C LEU A 107 31.97 2.04 0.11
N GLY A 108 33.11 2.30 -0.55
CA GLY A 108 34.41 2.08 0.05
C GLY A 108 34.54 0.66 0.57
N ASP A 109 35.06 0.55 1.78
CA ASP A 109 35.16 -0.77 2.38
C ASP A 109 34.09 -0.97 3.43
N GLY A 110 32.96 -0.29 3.30
CA GLY A 110 31.87 -0.46 4.24
C GLY A 110 30.91 -1.48 3.74
N ASN A 111 30.11 -2.03 4.65
CA ASN A 111 28.99 -2.84 4.24
C ASN A 111 27.94 -2.10 3.43
N ALA A 112 27.22 -2.82 2.60
CA ALA A 112 26.13 -2.25 1.79
C ALA A 112 24.88 -3.09 1.73
N LEU A 113 23.83 -2.49 1.19
CA LEU A 113 22.66 -3.25 0.84
C LEU A 113 22.23 -2.89 -0.57
N VAL A 114 21.68 -3.90 -1.26
CA VAL A 114 21.02 -3.67 -2.53
C VAL A 114 19.52 -3.76 -2.37
N TYR A 115 18.85 -2.68 -2.78
CA TYR A 115 17.37 -2.58 -2.68
C TYR A 115 16.80 -2.84 -4.08
N LEU A 116 15.89 -3.82 -4.21
CA LEU A 116 15.31 -4.16 -5.54
C LEU A 116 13.85 -3.91 -5.47
N GLN A 117 13.26 -3.28 -6.47
CA GLN A 117 11.80 -3.06 -6.43
C GLN A 117 11.25 -3.34 -7.81
N VAL A 118 10.14 -4.06 -7.86
CA VAL A 118 9.48 -4.30 -9.14
C VAL A 118 8.04 -3.84 -9.00
N THR A 119 7.52 -3.07 -9.98
CA THR A 119 6.07 -2.73 -9.97
C THR A 119 5.39 -3.21 -11.24
N ARG A 120 4.07 -3.15 -11.28
CA ARG A 120 3.34 -3.69 -12.43
C ARG A 120 3.49 -2.71 -13.63
N GLY A 121 4.05 -1.53 -13.44
CA GLY A 121 4.41 -0.71 -14.60
C GLY A 121 3.42 0.43 -14.78
N VAL A 122 3.46 1.05 -15.95
CA VAL A 122 2.70 2.27 -16.20
C VAL A 122 1.44 1.98 -16.99
N ALA A 123 0.29 2.53 -16.60
CA ALA A 123 -0.93 2.38 -17.40
C ALA A 123 -1.97 3.46 -17.02
N LYS A 124 -3.05 3.53 -17.78
CA LYS A 124 -4.22 4.39 -17.42
C LYS A 124 -4.63 3.97 -16.02
N ARG A 125 -5.06 4.92 -15.18
CA ARG A 125 -5.47 4.51 -13.83
C ARG A 125 -6.71 3.60 -13.89
N GLY A 126 -6.60 2.40 -13.31
CA GLY A 126 -7.75 1.50 -13.14
C GLY A 126 -7.28 0.38 -12.21
N HIS A 127 -8.15 -0.14 -11.34
CA HIS A 127 -7.65 -1.03 -10.29
C HIS A 127 -7.17 -2.37 -10.82
N ALA A 128 -7.93 -2.99 -11.74
CA ALA A 128 -7.56 -4.38 -12.12
C ALA A 128 -6.24 -4.34 -12.94
N PHE A 129 -5.66 -5.52 -13.22
CA PHE A 129 -4.34 -5.55 -13.88
C PHE A 129 -4.52 -4.99 -15.29
N PRO A 130 -3.62 -4.10 -15.73
CA PRO A 130 -3.83 -3.68 -17.13
C PRO A 130 -3.32 -4.80 -18.11
N ALA A 131 -3.78 -4.79 -19.36
CA ALA A 131 -3.31 -5.77 -20.34
C ALA A 131 -1.85 -5.56 -20.74
N ASN A 132 -1.50 -4.36 -21.19
CA ASN A 132 -0.24 -4.20 -21.89
C ASN A 132 0.89 -3.62 -21.03
N ALA A 133 1.02 -4.12 -19.80
CA ALA A 133 1.97 -3.53 -18.88
C ALA A 133 3.28 -4.32 -18.72
N VAL A 134 4.37 -3.58 -18.81
CA VAL A 134 5.70 -4.12 -18.68
C VAL A 134 6.17 -3.70 -17.30
N PRO A 135 6.67 -4.66 -16.47
CA PRO A 135 7.08 -4.28 -15.11
C PRO A 135 8.20 -3.23 -15.11
N THR A 136 8.12 -2.36 -14.11
CA THR A 136 9.19 -1.42 -13.77
C THR A 136 10.13 -2.08 -12.83
N VAL A 137 11.46 -1.84 -13.03
CA VAL A 137 12.49 -2.41 -12.12
C VAL A 137 13.41 -1.30 -11.64
N PHE A 138 13.59 -1.21 -10.34
CA PHE A 138 14.43 -0.17 -9.73
C PHE A 138 15.44 -0.88 -8.88
N ALA A 139 16.75 -0.53 -9.00
CA ALA A 139 17.70 -1.17 -8.09
C ALA A 139 18.70 -0.09 -7.61
N MET A 140 19.02 -0.10 -6.33
CA MET A 140 19.96 0.87 -5.81
C MET A 140 20.75 0.25 -4.68
N THR A 141 21.87 0.89 -4.35
CA THR A 141 22.66 0.32 -3.27
C THR A 141 22.90 1.48 -2.30
N SER A 142 22.97 1.18 -0.99
CA SER A 142 23.29 2.22 -0.03
C SER A 142 24.17 1.60 1.07
N PRO A 143 24.90 2.45 1.82
CA PRO A 143 25.70 1.89 2.90
C PRO A 143 24.79 1.17 3.91
N LEU A 144 25.31 0.14 4.54
CA LEU A 144 24.55 -0.63 5.52
C LEU A 144 25.32 -0.49 6.83
N ARG A 145 24.71 0.11 7.85
CA ARG A 145 25.31 0.24 9.16
C ARG A 145 24.63 -0.80 10.06
N LEU A 146 25.31 -1.90 10.29
CA LEU A 146 24.79 -2.95 11.16
C LEU A 146 24.62 -2.43 12.57
N PRO A 147 23.75 -3.08 13.37
CA PRO A 147 23.70 -2.61 14.75
C PRO A 147 25.06 -2.65 15.43
N SER A 148 25.27 -1.71 16.35
CA SER A 148 26.55 -1.53 17.07
C SER A 148 26.87 -2.66 18.06
N GLU A 149 28.15 -2.76 18.45
CA GLU A 149 28.57 -3.61 19.56
C GLU A 149 27.75 -3.28 20.79
N GLU A 150 27.50 -1.99 21.00
CA GLU A 150 26.78 -1.53 22.18
C GLU A 150 25.29 -1.90 22.11
N GLU A 151 24.63 -1.67 20.97
CA GLU A 151 23.27 -2.17 20.80
C GLU A 151 23.18 -3.66 21.08
N ARG A 152 24.14 -4.42 20.55
CA ARG A 152 24.15 -5.87 20.77
C ARG A 152 24.41 -6.18 22.22
N ALA A 153 25.28 -5.40 22.88
CA ALA A 153 25.63 -5.70 24.26
C ALA A 153 24.52 -5.27 25.22
N LYS A 154 23.86 -4.15 24.93
CA LYS A 154 22.83 -3.61 25.86
C LYS A 154 21.42 -4.09 25.46
N GLY A 155 21.27 -4.44 24.19
CA GLY A 155 19.95 -4.77 23.64
C GLY A 155 19.15 -3.52 23.34
N VAL A 156 18.01 -3.69 22.68
CA VAL A 156 17.21 -2.52 22.25
C VAL A 156 15.86 -2.50 22.94
N ARG A 157 15.21 -1.34 22.91
CA ARG A 157 13.90 -1.16 23.52
C ARG A 157 12.79 -1.27 22.46
N CYS A 158 11.77 -2.09 22.73
CA CYS A 158 10.62 -2.16 21.83
C CYS A 158 9.33 -1.74 22.54
N VAL A 159 8.33 -1.40 21.74
CA VAL A 159 7.01 -1.14 22.30
C VAL A 159 6.06 -2.07 21.58
N THR A 160 4.87 -2.30 22.16
CA THR A 160 3.83 -3.09 21.52
C THR A 160 2.69 -2.20 21.00
N ALA A 161 2.02 -2.65 19.95
CA ALA A 161 0.81 -1.98 19.47
C ALA A 161 -0.11 -3.03 18.86
N GLU A 162 -1.40 -2.72 18.76
CA GLU A 162 -2.33 -3.56 17.98
C GLU A 162 -2.01 -3.58 16.49
N ASP A 163 -2.07 -4.76 15.88
CA ASP A 163 -1.73 -4.88 14.45
C ASP A 163 -2.83 -4.21 13.60
N ARG A 164 -2.38 -3.39 12.64
CA ARG A 164 -3.21 -2.60 11.70
C ARG A 164 -3.62 -3.39 10.47
N CYS A 169 -7.40 1.83 5.63
CA CYS A 169 -8.67 1.13 5.91
C CYS A 169 -9.83 2.11 5.92
N ASP A 170 -9.86 2.97 6.94
CA ASP A 170 -10.77 4.12 7.08
C ASP A 170 -10.36 5.32 6.19
N ILE A 171 -9.25 5.19 5.51
CA ILE A 171 -8.84 6.27 4.63
C ILE A 171 -8.55 5.75 3.26
N LYS A 172 -8.55 6.67 2.27
CA LYS A 172 -8.26 6.31 0.89
C LYS A 172 -6.74 6.47 0.76
N SER A 173 -6.00 5.41 1.06
CA SER A 173 -4.53 5.54 0.94
C SER A 173 -4.08 5.10 -0.43
N ILE A 174 -2.80 5.29 -0.75
CA ILE A 174 -2.29 4.80 -2.03
C ILE A 174 -1.50 3.49 -1.78
N SER A 175 -1.72 2.88 -0.60
CA SER A 175 -1.28 1.46 -0.39
C SER A 175 -2.41 0.54 -0.75
N LEU A 176 -2.57 0.30 -2.06
CA LEU A 176 -3.82 -0.27 -2.58
C LEU A 176 -3.62 -1.66 -3.19
N LEU A 177 -2.48 -2.33 -2.92
CA LEU A 177 -2.32 -3.66 -3.50
C LEU A 177 -3.50 -4.59 -3.17
N GLY A 178 -4.03 -4.50 -1.95
CA GLY A 178 -5.19 -5.32 -1.61
C GLY A 178 -6.40 -5.13 -2.53
N ASN A 179 -6.74 -3.86 -2.76
CA ASN A 179 -7.81 -3.48 -3.60
C ASN A 179 -7.59 -3.87 -5.04
N VAL A 180 -6.36 -3.67 -5.53
CA VAL A 180 -5.96 -4.16 -6.84
C VAL A 180 -6.22 -5.64 -7.01
N LEU A 181 -5.78 -6.42 -6.03
CA LEU A 181 -6.00 -7.87 -6.15
C LEU A 181 -7.49 -8.25 -6.14
N MET A 182 -8.29 -7.56 -5.34
CA MET A 182 -9.73 -7.82 -5.31
C MET A 182 -10.44 -7.33 -6.60
N ALA A 183 -9.96 -6.25 -7.18
CA ALA A 183 -10.49 -5.79 -8.45
C ALA A 183 -10.14 -6.81 -9.56
N GLN A 184 -8.91 -7.32 -9.50
CA GLN A 184 -8.49 -8.33 -10.49
C GLN A 184 -9.29 -9.60 -10.33
N HIS A 185 -9.60 -9.91 -9.06
CA HIS A 185 -10.42 -11.09 -8.73
C HIS A 185 -11.78 -11.01 -9.46
N ALA A 186 -12.42 -9.86 -9.40
CA ALA A 186 -13.64 -9.59 -10.13
C ALA A 186 -13.46 -9.68 -11.67
N ALA A 187 -12.47 -8.97 -12.22
CA ALA A 187 -12.25 -9.01 -13.67
C ALA A 187 -12.04 -10.43 -14.19
N GLU A 188 -11.33 -11.25 -13.44
CA GLU A 188 -11.07 -12.65 -13.83
C GLU A 188 -12.30 -13.46 -13.99
N ARG A 189 -13.35 -13.05 -13.29
CA ARG A 189 -14.63 -13.75 -13.24
C ARG A 189 -15.71 -13.03 -14.02
N ASP A 190 -15.26 -12.15 -14.91
CA ASP A 190 -16.15 -11.32 -15.73
C ASP A 190 -17.22 -10.65 -14.87
N ALA A 191 -16.79 -10.16 -13.70
CA ALA A 191 -17.66 -9.48 -12.76
C ALA A 191 -17.29 -8.03 -12.69
N PHE A 192 -18.23 -7.23 -12.29
CA PHE A 192 -18.06 -5.77 -12.17
C PHE A 192 -17.32 -5.38 -10.92
N GLU A 193 -17.53 -6.13 -9.85
CA GLU A 193 -17.00 -5.77 -8.52
C GLU A 193 -16.94 -7.00 -7.63
N THR A 194 -15.98 -7.01 -6.69
CA THR A 194 -15.91 -8.04 -5.65
C THR A 194 -16.45 -7.48 -4.36
N ILE A 195 -17.50 -8.11 -3.80
CA ILE A 195 -18.03 -7.68 -2.51
C ILE A 195 -17.34 -8.54 -1.46
N GLN A 196 -16.69 -7.93 -0.50
CA GLN A 196 -15.83 -8.60 0.47
C GLN A 196 -16.60 -8.90 1.73
N LEU A 197 -16.27 -10.04 2.33
CA LEU A 197 -16.92 -10.52 3.55
C LEU A 197 -15.85 -10.74 4.60
N ARG A 198 -16.13 -10.39 5.84
CA ARG A 198 -15.20 -10.75 6.91
C ARG A 198 -16.06 -11.32 8.01
N ASP A 199 -15.70 -12.47 8.55
CA ASP A 199 -16.50 -13.10 9.58
C ASP A 199 -17.98 -13.21 9.23
N GLU A 200 -18.29 -13.56 7.99
CA GLU A 200 -19.66 -13.74 7.51
C GLU A 200 -20.47 -12.41 7.53
N ASN A 201 -19.77 -11.28 7.63
CA ASN A 201 -20.41 -9.97 7.47
C ASN A 201 -19.86 -9.22 6.24
N VAL A 202 -20.75 -8.50 5.57
CA VAL A 202 -20.33 -7.65 4.45
C VAL A 202 -19.41 -6.53 4.90
N THR A 203 -18.32 -6.28 4.14
CA THR A 203 -17.50 -5.11 4.41
C THR A 203 -17.73 -4.06 3.29
N GLU A 204 -16.98 -4.17 2.19
CA GLU A 204 -17.09 -3.21 1.09
C GLU A 204 -16.61 -3.88 -0.21
N GLY A 205 -16.73 -3.18 -1.35
CA GLY A 205 -16.18 -3.61 -2.62
C GLY A 205 -14.74 -3.20 -2.75
N SER A 206 -14.05 -3.71 -3.78
CA SER A 206 -12.65 -3.24 -4.03
C SER A 206 -12.60 -1.73 -4.26
N SER A 207 -13.68 -1.15 -4.79
CA SER A 207 -13.65 0.30 -5.06
C SER A 207 -15.09 0.87 -4.93
N SER A 208 -15.89 0.31 -4.04
CA SER A 208 -17.24 0.85 -3.88
C SER A 208 -17.78 0.47 -2.51
N ASN A 209 -18.83 1.19 -2.09
CA ASN A 209 -19.59 0.87 -0.86
C ASN A 209 -20.79 0.04 -1.22
N VAL A 210 -21.21 -0.83 -0.28
CA VAL A 210 -22.27 -1.80 -0.60
C VAL A 210 -23.52 -1.48 0.24
N TRP A 211 -24.70 -1.56 -0.37
CA TRP A 211 -25.98 -1.32 0.32
C TRP A 211 -26.92 -2.46 0.03
N ILE A 212 -27.81 -2.76 0.97
CA ILE A 212 -28.86 -3.71 0.61
C ILE A 212 -30.21 -3.18 1.01
N VAL A 213 -31.24 -3.78 0.42
CA VAL A 213 -32.64 -3.45 0.72
C VAL A 213 -33.35 -4.72 1.16
N LYS A 214 -34.14 -4.61 2.21
CA LYS A 214 -35.05 -5.70 2.60
C LYS A 214 -36.30 -5.08 3.11
N ASN A 215 -37.43 -5.51 2.54
CA ASN A 215 -38.74 -5.02 2.97
C ASN A 215 -38.84 -3.50 2.96
N GLY A 216 -38.32 -2.90 1.88
CA GLY A 216 -38.37 -1.47 1.64
C GLY A 216 -37.45 -0.60 2.49
N GLU A 217 -36.62 -1.22 3.31
CA GLU A 217 -35.69 -0.48 4.15
C GLU A 217 -34.28 -0.64 3.60
N LEU A 218 -33.48 0.39 3.77
CA LEU A 218 -32.10 0.41 3.30
C LEU A 218 -31.12 0.18 4.41
N PHE A 219 -30.10 -0.67 4.12
CA PHE A 219 -29.06 -1.04 5.11
C PHE A 219 -27.65 -0.88 4.56
N ALA A 220 -26.70 -0.48 5.41
CA ALA A 220 -25.26 -0.48 5.04
C ALA A 220 -24.47 -0.99 6.24
N PRO A 221 -23.24 -1.48 6.03
CA PRO A 221 -22.46 -1.92 7.20
C PRO A 221 -22.20 -0.75 8.13
N PRO A 222 -21.90 -1.05 9.40
CA PRO A 222 -21.64 0.04 10.35
C PRO A 222 -20.44 0.87 9.94
N ARG A 223 -20.54 2.18 10.16
CA ARG A 223 -19.50 3.13 9.76
C ARG A 223 -18.13 2.79 10.37
N ARG A 232 -22.62 3.32 6.49
CA ARG A 232 -23.27 4.58 6.16
C ARG A 232 -22.52 5.33 5.04
N TYR A 233 -22.84 6.63 4.87
CA TYR A 233 -22.24 7.60 3.92
C TYR A 233 -23.23 8.75 3.74
N ALA A 234 -22.77 9.95 4.02
CA ALA A 234 -23.69 11.07 4.11
C ALA A 234 -24.56 11.19 2.87
N LEU A 235 -24.01 11.02 1.64
CA LEU A 235 -24.86 11.36 0.45
C LEU A 235 -26.05 10.42 0.35
N VAL A 236 -25.78 9.13 0.33
CA VAL A 236 -26.87 8.17 0.22
C VAL A 236 -27.85 8.30 1.39
N GLU A 237 -27.37 8.54 2.62
CA GLU A 237 -28.33 8.80 3.70
C GLU A 237 -29.25 10.00 3.43
N GLN A 238 -28.66 11.07 2.91
CA GLN A 238 -29.46 12.22 2.49
C GLN A 238 -30.48 11.84 1.39
N LEU A 239 -30.06 11.04 0.41
CA LEU A 239 -30.97 10.62 -0.65
C LEU A 239 -32.10 9.78 -0.08
N ALA A 240 -31.79 8.83 0.80
CA ALA A 240 -32.83 8.05 1.45
C ALA A 240 -33.82 8.92 2.21
N ASP A 241 -33.30 9.89 2.97
CA ASP A 241 -34.14 10.81 3.75
CA ASP A 241 -34.20 10.73 3.75
C ASP A 241 -35.14 11.51 2.82
N GLU A 242 -34.60 11.99 1.69
CA GLU A 242 -35.39 12.82 0.75
C GLU A 242 -36.55 12.02 0.22
N CYS A 243 -36.31 10.71 0.05
CA CYS A 243 -37.28 9.82 -0.55
C CYS A 243 -38.24 9.21 0.49
N GLY A 244 -38.01 9.46 1.78
CA GLY A 244 -38.83 8.82 2.79
C GLY A 244 -38.50 7.35 3.02
N ILE A 245 -37.27 6.98 2.69
CA ILE A 245 -36.83 5.59 2.84
C ILE A 245 -36.01 5.44 4.11
N ARG A 246 -36.41 4.51 4.98
CA ARG A 246 -35.73 4.34 6.27
C ARG A 246 -34.37 3.70 6.07
N PHE A 247 -33.37 4.20 6.80
CA PHE A 247 -32.02 3.71 6.63
C PHE A 247 -31.50 3.30 8.00
N VAL A 248 -30.75 2.19 8.07
CA VAL A 248 -30.09 1.84 9.34
C VAL A 248 -28.77 1.19 8.98
N ALA A 249 -27.72 1.64 9.66
CA ALA A 249 -26.42 1.05 9.51
C ALA A 249 -26.35 -0.04 10.55
N ARG A 250 -26.05 -1.25 10.09
CA ARG A 250 -25.89 -2.41 10.96
C ARG A 250 -25.19 -3.49 10.17
N GLU A 251 -24.63 -4.48 10.88
CA GLU A 251 -23.94 -5.55 10.15
C GLU A 251 -24.96 -6.25 9.26
N ILE A 252 -24.50 -6.59 8.07
CA ILE A 252 -25.24 -7.37 7.09
C ILE A 252 -24.54 -8.75 6.97
N SER A 253 -25.22 -9.81 7.38
CA SER A 253 -24.62 -11.14 7.23
C SER A 253 -24.58 -11.53 5.74
N GLU A 254 -23.71 -12.49 5.45
CA GLU A 254 -23.58 -13.05 4.13
C GLU A 254 -24.94 -13.68 3.73
N VAL A 255 -25.59 -14.37 4.67
CA VAL A 255 -26.90 -14.94 4.38
C VAL A 255 -27.92 -13.81 4.05
N GLU A 256 -27.86 -12.70 4.79
CA GLU A 256 -28.76 -11.56 4.49
C GLU A 256 -28.44 -10.96 3.13
N LEU A 257 -27.14 -10.88 2.81
CA LEU A 257 -26.77 -10.37 1.45
C LEU A 257 -27.37 -11.27 0.34
N ARG A 258 -27.29 -12.58 0.52
CA ARG A 258 -27.77 -13.53 -0.48
C ARG A 258 -29.25 -13.71 -0.42
N SER A 259 -29.95 -12.99 0.46
CA SER A 259 -31.39 -13.12 0.42
C SER A 259 -31.98 -11.69 0.35
N ALA A 260 -31.16 -10.73 -0.03
CA ALA A 260 -31.62 -9.31 -0.13
C ALA A 260 -32.67 -9.13 -1.21
N ASP A 261 -33.55 -8.14 -1.03
CA ASP A 261 -34.47 -7.72 -2.11
C ASP A 261 -33.77 -6.91 -3.20
N GLU A 262 -32.84 -6.06 -2.78
CA GLU A 262 -31.91 -5.36 -3.71
C GLU A 262 -30.51 -5.27 -3.14
N ILE A 263 -29.52 -5.18 -4.04
CA ILE A 263 -28.12 -4.90 -3.66
C ILE A 263 -27.68 -3.73 -4.55
N MET A 264 -27.01 -2.74 -3.97
CA MET A 264 -26.47 -1.61 -4.77
C MET A 264 -25.00 -1.33 -4.42
N LEU A 265 -24.27 -0.73 -5.37
CA LEU A 265 -22.91 -0.24 -5.15
C LEU A 265 -22.89 1.27 -5.29
N THR A 266 -22.03 1.95 -4.54
CA THR A 266 -21.88 3.40 -4.80
C THR A 266 -20.41 3.77 -4.83
N SER A 267 -20.10 4.82 -5.60
CA SER A 267 -18.77 5.45 -5.47
C SER A 267 -18.85 6.79 -6.23
N ALA A 268 -17.86 7.66 -6.05
CA ALA A 268 -17.85 8.91 -6.78
C ALA A 268 -17.97 8.68 -8.27
N THR A 269 -17.29 7.67 -8.79
CA THR A 269 -17.34 7.43 -10.22
C THR A 269 -18.39 6.48 -10.76
N LYS A 270 -19.00 5.71 -9.86
CA LYS A 270 -20.06 4.78 -10.25
C LYS A 270 -21.45 5.39 -10.02
N GLU A 271 -21.47 6.48 -9.23
CA GLU A 271 -22.72 7.03 -8.66
C GLU A 271 -23.44 5.93 -7.90
N ILE A 272 -24.62 5.50 -8.36
CA ILE A 272 -25.24 4.34 -7.68
C ILE A 272 -25.68 3.38 -8.73
N LEU A 273 -25.43 2.08 -8.49
CA LEU A 273 -25.71 1.04 -9.50
C LEU A 273 -26.40 -0.17 -8.85
N PRO A 274 -27.28 -0.86 -9.58
CA PRO A 274 -27.92 -2.02 -8.94
C PRO A 274 -27.10 -3.27 -9.25
N VAL A 275 -27.01 -4.16 -8.28
CA VAL A 275 -26.40 -5.45 -8.50
C VAL A 275 -27.48 -6.46 -8.72
N THR A 276 -27.49 -7.17 -9.85
CA THR A 276 -28.62 -8.04 -10.15
C THR A 276 -28.23 -9.50 -10.23
N SER A 277 -26.93 -9.76 -10.10
CA SER A 277 -26.41 -11.15 -10.07
CA SER A 277 -26.41 -11.14 -10.09
C SER A 277 -25.32 -11.17 -9.04
N LEU A 278 -25.32 -12.18 -8.19
CA LEU A 278 -24.29 -12.31 -7.15
C LEU A 278 -23.76 -13.74 -7.15
N ASP A 279 -22.45 -13.91 -7.38
CA ASP A 279 -21.88 -15.26 -7.61
C ASP A 279 -22.75 -16.12 -8.53
N ASP A 280 -23.20 -15.49 -9.64
CA ASP A 280 -23.96 -16.10 -10.72
C ASP A 280 -25.39 -16.48 -10.38
N LEU A 281 -25.86 -16.03 -9.23
CA LEU A 281 -27.28 -16.25 -8.88
C LEU A 281 -28.03 -14.92 -8.98
N PRO A 282 -29.32 -14.96 -9.32
CA PRO A 282 -30.02 -13.66 -9.43
C PRO A 282 -30.29 -13.04 -8.06
N VAL A 283 -30.31 -11.70 -8.00
CA VAL A 283 -30.66 -10.98 -6.79
C VAL A 283 -32.18 -10.77 -6.86
N GLN A 284 -32.90 -11.48 -6.00
CA GLN A 284 -34.38 -11.51 -6.05
C GLN A 284 -34.79 -11.89 -7.50
N GLY A 285 -35.48 -11.06 -8.25
CA GLY A 285 -35.84 -11.53 -9.59
C GLY A 285 -34.81 -11.27 -10.69
N GLY A 286 -33.66 -10.72 -10.33
CA GLY A 286 -32.64 -10.44 -11.32
C GLY A 286 -32.78 -9.10 -12.07
N LYS A 287 -33.72 -8.27 -11.65
CA LYS A 287 -33.92 -6.93 -12.23
C LYS A 287 -33.71 -5.87 -11.17
N PRO A 288 -33.35 -4.62 -11.56
CA PRO A 288 -33.19 -3.58 -10.54
C PRO A 288 -34.50 -3.28 -9.87
N GLY A 289 -34.40 -2.83 -8.62
CA GLY A 289 -35.62 -2.69 -7.83
C GLY A 289 -36.03 -1.23 -7.65
N PRO A 290 -37.12 -1.00 -6.94
CA PRO A 290 -37.69 0.33 -6.83
C PRO A 290 -36.93 1.21 -5.86
N VAL A 291 -36.18 0.64 -4.90
CA VAL A 291 -35.41 1.54 -4.05
C VAL A 291 -34.22 2.05 -4.89
N PHE A 292 -33.61 1.18 -5.71
CA PHE A 292 -32.55 1.67 -6.60
C PHE A 292 -33.09 2.81 -7.45
N ALA A 293 -34.26 2.60 -8.04
CA ALA A 293 -34.77 3.62 -8.98
C ALA A 293 -34.93 4.98 -8.25
N ALA A 294 -35.47 4.94 -7.03
CA ALA A 294 -35.70 6.17 -6.27
C ALA A 294 -34.39 6.87 -5.90
N LEU A 295 -33.37 6.10 -5.42
CA LEU A 295 -32.10 6.68 -4.99
C LEU A 295 -31.32 7.20 -6.19
N TYR A 296 -31.43 6.49 -7.33
CA TYR A 296 -30.72 6.95 -8.53
C TYR A 296 -31.32 8.27 -8.98
N ASP A 297 -32.65 8.34 -9.05
CA ASP A 297 -33.22 9.66 -9.41
C ASP A 297 -32.86 10.77 -8.41
N ALA A 298 -32.81 10.44 -7.11
CA ALA A 298 -32.40 11.42 -6.10
C ALA A 298 -30.96 11.87 -6.32
N TYR A 299 -30.07 10.90 -6.64
CA TYR A 299 -28.66 11.25 -7.01
C TYR A 299 -28.63 12.27 -8.12
N GLN A 300 -29.44 12.04 -9.16
CA GLN A 300 -29.44 13.00 -10.28
C GLN A 300 -30.02 14.36 -9.86
N ARG A 301 -30.97 14.38 -8.93
CA ARG A 301 -31.46 15.67 -8.45
C ARG A 301 -30.39 16.39 -7.64
N ALA A 302 -29.59 15.63 -6.85
CA ALA A 302 -28.51 16.30 -6.13
C ALA A 302 -27.56 16.98 -7.10
N LYS A 303 -27.27 16.31 -8.21
CA LYS A 303 -26.46 16.93 -9.24
C LYS A 303 -27.14 18.15 -9.84
N ALA A 304 -28.41 18.04 -10.13
CA ALA A 304 -29.15 19.14 -10.73
C ALA A 304 -29.08 20.35 -9.84
N ARG A 305 -29.15 20.14 -8.53
CA ARG A 305 -29.11 21.28 -7.62
C ARG A 305 -27.75 21.94 -7.60
N GLU A 306 -26.67 21.13 -7.59
CA GLU A 306 -25.36 21.75 -7.70
C GLU A 306 -25.20 22.48 -9.05
N PHE A 307 -25.72 21.92 -10.14
CA PHE A 307 -25.66 22.64 -11.42
C PHE A 307 -26.40 23.99 -11.37
N GLU A 308 -27.56 24.01 -10.74
CA GLU A 308 -28.31 25.26 -10.59
C GLU A 308 -27.57 26.26 -9.70
N GLN A 309 -26.95 25.81 -8.62
CA GLN A 309 -26.12 26.76 -7.80
C GLN A 309 -24.97 27.33 -8.62
N PHE A 310 -24.37 26.46 -9.45
CA PHE A 310 -23.28 26.90 -10.34
C PHE A 310 -23.75 27.94 -11.34
N ASP A 311 -24.91 27.71 -11.93
CA ASP A 311 -25.43 28.62 -12.96
C ASP A 311 -25.73 30.00 -12.36
N LEU A 312 -26.21 30.00 -11.12
CA LEU A 312 -26.51 31.25 -10.43
C LEU A 312 -25.28 32.12 -10.19
N THR A 313 -24.15 31.50 -9.88
CA THR A 313 -22.91 32.20 -9.57
C THR A 313 -22.27 32.73 -10.85
N ARG A 314 -22.54 32.01 -11.93
CA ARG A 314 -21.85 32.19 -13.20
C ARG A 314 -22.21 33.52 -13.88
N PHE B 14 -5.33 15.23 -27.89
CA PHE B 14 -5.00 16.22 -26.86
C PHE B 14 -4.24 15.59 -25.70
N GLU B 15 -3.04 16.05 -25.43
CA GLU B 15 -2.32 15.42 -24.31
C GLU B 15 -2.79 16.02 -22.98
N PRO B 16 -3.21 15.15 -22.05
CA PRO B 16 -3.61 15.64 -20.72
C PRO B 16 -2.50 16.49 -20.11
N ILE B 17 -2.86 17.56 -19.43
CA ILE B 17 -1.92 18.39 -18.69
C ILE B 17 -2.09 18.11 -17.21
N VAL B 18 -1.01 17.84 -16.51
CA VAL B 18 -1.16 17.42 -15.10
C VAL B 18 -0.38 18.39 -14.23
N TYR B 19 -0.72 18.40 -12.94
CA TYR B 19 -0.03 19.22 -11.97
C TYR B 19 0.82 18.36 -11.11
N LEU B 20 2.06 18.80 -10.85
CA LEU B 20 2.93 18.07 -9.96
C LEU B 20 3.74 19.03 -9.09
N SER B 21 3.81 18.74 -7.78
CA SER B 21 4.58 19.54 -6.85
C SER B 21 5.45 18.60 -6.06
N VAL B 22 6.77 18.80 -6.14
CA VAL B 22 7.73 17.89 -5.51
C VAL B 22 8.78 18.75 -4.86
N SER B 23 9.10 18.46 -3.59
CA SER B 23 10.16 19.20 -2.90
C SER B 23 9.92 20.69 -2.98
N ALA B 24 8.66 21.07 -2.81
CA ALA B 24 8.21 22.48 -2.82
C ALA B 24 8.35 23.26 -4.17
N GLN B 25 8.58 22.55 -5.25
CA GLN B 25 8.56 23.12 -6.58
C GLN B 25 7.39 22.57 -7.40
N GLU B 26 6.67 23.45 -8.12
CA GLU B 26 5.47 22.99 -8.83
C GLU B 26 5.58 23.21 -10.32
N GLU B 27 4.81 22.41 -11.07
CA GLU B 27 4.78 22.50 -12.54
C GLU B 27 3.43 22.02 -13.03
N LEU B 28 3.02 22.56 -14.19
CA LEU B 28 1.82 22.15 -14.91
C LEU B 28 2.34 21.70 -16.29
N VAL B 29 2.36 20.39 -16.53
CA VAL B 29 3.05 19.86 -17.72
C VAL B 29 2.29 18.79 -18.42
N PRO B 30 2.60 18.54 -19.70
CA PRO B 30 2.00 17.41 -20.40
C PRO B 30 2.28 16.12 -19.63
N LEU B 31 1.32 15.20 -19.67
CA LEU B 31 1.44 13.93 -18.95
C LEU B 31 2.74 13.19 -19.23
N SER B 32 3.15 13.13 -20.50
CA SER B 32 4.38 12.42 -20.86
C SER B 32 5.62 13.02 -20.21
N GLU B 33 5.50 14.24 -19.74
CA GLU B 33 6.66 14.87 -19.12
C GLU B 33 6.67 14.78 -17.59
N ALA B 34 5.61 14.23 -17.01
CA ALA B 34 5.45 14.32 -15.56
C ALA B 34 6.09 13.12 -14.85
N ARG B 35 7.14 13.31 -14.03
CA ARG B 35 7.81 12.18 -13.42
C ARG B 35 8.19 12.54 -12.02
N VAL B 36 8.25 11.54 -11.13
CA VAL B 36 8.58 11.84 -9.74
C VAL B 36 9.89 11.14 -9.39
N PRO B 37 10.66 11.73 -8.49
CA PRO B 37 11.89 11.08 -8.04
C PRO B 37 11.63 9.66 -7.50
N VAL B 38 12.56 8.76 -7.78
CA VAL B 38 12.33 7.38 -7.42
C VAL B 38 12.23 7.19 -5.93
N LEU B 39 12.82 8.07 -5.13
CA LEU B 39 12.70 7.90 -3.69
C LEU B 39 11.52 8.62 -3.10
N ASP B 40 10.61 9.07 -3.96
CA ASP B 40 9.35 9.58 -3.39
C ASP B 40 8.70 8.46 -2.57
N ARG B 41 8.26 8.78 -1.34
CA ARG B 41 7.68 7.74 -0.49
C ARG B 41 6.35 7.18 -1.03
N GLY B 42 5.74 7.86 -1.99
CA GLY B 42 4.56 7.29 -2.66
C GLY B 42 4.97 6.10 -3.50
N PHE B 43 6.17 6.15 -4.09
CA PHE B 43 6.68 5.06 -4.93
C PHE B 43 7.27 3.90 -4.08
N ILE B 44 8.00 4.27 -3.04
CA ILE B 44 8.76 3.28 -2.25
C ILE B 44 7.87 2.61 -1.18
N PHE B 45 6.99 3.39 -0.57
CA PHE B 45 6.26 2.87 0.62
C PHE B 45 4.73 2.94 0.49
N GLY B 46 4.23 3.52 -0.59
CA GLY B 46 2.78 3.74 -0.72
C GLY B 46 2.27 4.67 0.39
N ASP B 47 3.10 5.65 0.70
CA ASP B 47 2.88 6.46 1.91
C ASP B 47 2.17 7.76 1.46
N GLY B 48 0.86 7.69 1.34
CA GLY B 48 0.11 8.83 0.82
C GLY B 48 -1.39 8.56 0.75
N VAL B 49 -2.17 9.56 0.34
CA VAL B 49 -3.64 9.41 0.26
C VAL B 49 -4.12 9.99 -1.07
N TYR B 50 -5.36 9.71 -1.46
CA TYR B 50 -5.88 10.30 -2.69
C TYR B 50 -7.34 10.66 -2.48
N GLU B 51 -7.85 11.48 -3.40
CA GLU B 51 -9.29 11.81 -3.38
C GLU B 51 -9.67 11.94 -4.84
N VAL B 52 -10.91 11.62 -5.21
CA VAL B 52 -11.38 11.82 -6.59
C VAL B 52 -12.58 12.71 -6.58
N VAL B 53 -12.56 13.80 -7.35
CA VAL B 53 -13.69 14.70 -7.44
C VAL B 53 -14.34 14.59 -8.81
N PRO B 54 -15.62 14.20 -8.84
CA PRO B 54 -16.25 14.21 -10.17
C PRO B 54 -16.50 15.62 -10.66
N VAL B 55 -16.32 15.81 -11.96
CA VAL B 55 -16.54 17.14 -12.58
C VAL B 55 -17.45 16.97 -13.78
N TYR B 56 -18.73 17.33 -13.61
CA TYR B 56 -19.73 17.01 -14.60
C TYR B 56 -19.83 18.07 -15.71
N ALA B 57 -20.14 17.62 -16.93
CA ALA B 57 -20.39 18.56 -18.00
C ALA B 57 -21.78 19.13 -17.86
N HIS B 58 -21.85 20.47 -17.92
CA HIS B 58 -23.11 21.18 -17.78
C HIS B 58 -23.00 22.53 -18.45
N ASP B 59 -23.87 22.72 -19.43
CA ASP B 59 -23.97 24.01 -20.13
C ASP B 59 -22.61 24.54 -20.61
N GLY B 60 -21.78 23.68 -21.17
CA GLY B 60 -20.47 24.10 -21.65
C GLY B 60 -19.40 24.27 -20.59
N ALA B 61 -19.78 24.11 -19.31
CA ALA B 61 -18.81 24.20 -18.22
C ALA B 61 -18.56 22.83 -17.62
N HIS B 62 -17.70 22.78 -16.61
CA HIS B 62 -17.34 21.54 -15.95
C HIS B 62 -17.49 21.79 -14.48
N VAL B 63 -18.48 21.15 -13.86
CA VAL B 63 -18.92 21.52 -12.54
C VAL B 63 -18.62 20.46 -11.52
N PRO B 64 -17.75 20.78 -10.54
CA PRO B 64 -17.40 19.81 -9.48
C PRO B 64 -18.60 19.52 -8.62
N PHE B 65 -18.69 18.26 -8.21
CA PHE B 65 -19.81 17.78 -7.42
C PHE B 65 -19.34 17.38 -6.03
N ARG B 66 -19.97 17.99 -5.01
CA ARG B 66 -19.65 17.74 -3.59
C ARG B 66 -18.15 18.00 -3.33
N ILE B 67 -17.65 19.09 -3.89
CA ILE B 67 -16.22 19.39 -3.75
C ILE B 67 -15.84 19.66 -2.29
N GLU B 68 -16.73 20.33 -1.51
CA GLU B 68 -16.38 20.60 -0.09
C GLU B 68 -16.28 19.31 0.69
N GLN B 69 -17.21 18.37 0.47
CA GLN B 69 -17.16 17.09 1.16
C GLN B 69 -15.92 16.27 0.78
N HIS B 70 -15.58 16.28 -0.50
CA HIS B 70 -14.37 15.58 -0.94
C HIS B 70 -13.11 16.21 -0.31
N LEU B 71 -13.05 17.53 -0.26
CA LEU B 71 -11.83 18.14 0.31
C LEU B 71 -11.75 18.02 1.84
N ASP B 72 -12.91 17.95 2.48
CA ASP B 72 -12.91 17.68 3.91
C ASP B 72 -12.39 16.28 4.17
N ARG B 73 -12.81 15.32 3.36
CA ARG B 73 -12.26 13.93 3.56
C ARG B 73 -10.74 13.90 3.35
N LEU B 74 -10.30 14.57 2.31
CA LEU B 74 -8.86 14.67 2.07
C LEU B 74 -8.14 15.23 3.29
N ALA B 75 -8.62 16.35 3.81
CA ALA B 75 -8.01 16.96 4.98
C ALA B 75 -7.97 15.99 6.17
N ARG B 76 -9.06 15.29 6.42
CA ARG B 76 -9.05 14.35 7.52
C ARG B 76 -8.11 13.21 7.32
N SER B 77 -8.02 12.69 6.11
CA SER B 77 -7.08 11.60 5.82
C SER B 77 -5.64 12.01 5.97
N LEU B 78 -5.29 13.18 5.46
CA LEU B 78 -3.93 13.70 5.69
C LEU B 78 -3.62 13.82 7.16
N LYS B 79 -4.55 14.40 7.94
CA LYS B 79 -4.28 14.53 9.35
C LYS B 79 -4.08 13.16 10.02
N LYS B 80 -4.89 12.19 9.63
CA LYS B 80 -4.83 10.84 10.20
C LYS B 80 -3.45 10.25 10.05
N ILE B 81 -2.79 10.49 8.93
CA ILE B 81 -1.47 9.85 8.77
C ILE B 81 -0.34 10.86 8.88
N GLY B 82 -0.63 12.03 9.41
CA GLY B 82 0.41 12.89 9.92
C GLY B 82 1.09 13.67 8.78
N ILE B 83 0.41 13.83 7.66
CA ILE B 83 0.98 14.65 6.59
C ILE B 83 0.37 16.06 6.65
N ASP B 84 1.21 17.09 6.70
CA ASP B 84 0.71 18.45 6.68
C ASP B 84 -0.05 18.77 5.39
N ASN B 85 -1.23 19.32 5.55
CA ASN B 85 -2.09 19.66 4.44
C ASN B 85 -1.51 20.89 3.73
N PRO B 86 -1.12 20.75 2.45
CA PRO B 86 -0.47 21.70 1.55
C PRO B 86 -1.40 22.89 1.23
N HIS B 87 -2.71 22.74 1.41
CA HIS B 87 -3.63 23.85 1.07
C HIS B 87 -4.82 23.97 2.02
N ASP B 88 -5.39 25.16 2.17
CA ASP B 88 -6.73 25.19 2.77
C ASP B 88 -7.79 24.84 1.70
N ALA B 89 -9.09 24.80 2.08
CA ALA B 89 -10.13 24.43 1.11
C ALA B 89 -10.09 25.34 -0.16
N ALA B 90 -9.97 26.65 0.01
CA ALA B 90 -9.89 27.57 -1.12
C ALA B 90 -8.71 27.26 -2.06
N GLY B 91 -7.57 26.95 -1.47
CA GLY B 91 -6.39 26.61 -2.23
C GLY B 91 -6.60 25.36 -3.04
N TRP B 92 -7.17 24.31 -2.43
CA TRP B 92 -7.48 23.12 -3.19
C TRP B 92 -8.48 23.39 -4.30
N ARG B 93 -9.54 24.17 -4.02
CA ARG B 93 -10.52 24.41 -5.05
C ARG B 93 -9.86 25.13 -6.22
N ALA B 94 -8.98 26.08 -5.91
CA ALA B 94 -8.35 26.81 -6.98
C ALA B 94 -7.44 25.90 -7.84
N LEU B 95 -6.71 24.98 -7.19
CA LEU B 95 -5.87 24.05 -7.92
C LEU B 95 -6.72 23.17 -8.84
N ILE B 96 -7.80 22.62 -8.30
CA ILE B 96 -8.72 21.83 -9.11
C ILE B 96 -9.25 22.61 -10.29
N GLU B 97 -9.66 23.86 -10.02
CA GLU B 97 -10.24 24.69 -11.10
C GLU B 97 -9.20 24.89 -12.18
N ARG B 98 -7.94 25.10 -11.76
CA ARG B 98 -6.82 25.29 -12.66
C ARG B 98 -6.52 24.10 -13.56
N VAL B 99 -6.47 22.92 -12.95
CA VAL B 99 -6.22 21.68 -13.66
C VAL B 99 -7.36 21.41 -14.67
N VAL B 100 -8.60 21.59 -14.27
CA VAL B 100 -9.70 21.39 -15.21
C VAL B 100 -9.61 22.38 -16.37
N ALA B 101 -9.32 23.65 -16.09
CA ALA B 101 -9.33 24.62 -17.17
C ALA B 101 -8.19 24.34 -18.12
N ALA B 102 -7.07 23.84 -17.59
CA ALA B 102 -5.93 23.56 -18.46
C ALA B 102 -6.24 22.41 -19.43
N ASN B 103 -7.25 21.62 -19.09
CA ASN B 103 -7.65 20.45 -19.84
C ASN B 103 -8.98 20.61 -20.54
N ALA B 104 -9.49 21.83 -20.54
CA ALA B 104 -10.80 22.18 -21.11
C ALA B 104 -11.03 21.59 -22.50
N GLU B 105 -10.08 21.92 -23.38
CA GLU B 105 -10.12 21.48 -24.75
C GLU B 105 -10.27 19.98 -24.84
N GLY B 106 -9.43 19.26 -24.10
CA GLY B 106 -9.43 17.81 -24.06
C GLY B 106 -10.67 17.15 -23.47
N LEU B 107 -11.30 17.77 -22.48
CA LEU B 107 -12.49 17.19 -21.86
C LEU B 107 -13.76 17.31 -22.74
N GLY B 108 -13.74 18.32 -23.62
CA GLY B 108 -14.87 18.63 -24.49
C GLY B 108 -16.15 18.83 -23.72
N ASP B 109 -17.21 18.15 -24.16
CA ASP B 109 -18.48 18.25 -23.45
C ASP B 109 -18.77 16.99 -22.64
N GLY B 110 -17.72 16.21 -22.37
CA GLY B 110 -17.84 14.98 -21.58
C GLY B 110 -17.66 15.21 -20.11
N ASN B 111 -18.15 14.24 -19.33
CA ASN B 111 -17.90 14.23 -17.90
C ASN B 111 -16.44 13.94 -17.61
N ALA B 112 -15.99 14.38 -16.45
CA ALA B 112 -14.58 14.25 -16.08
C ALA B 112 -14.43 13.91 -14.60
N LEU B 113 -13.22 13.51 -14.21
CA LEU B 113 -12.94 13.44 -12.78
C LEU B 113 -11.60 14.14 -12.54
N VAL B 114 -11.41 14.63 -11.34
CA VAL B 114 -10.06 15.11 -10.95
C VAL B 114 -9.55 14.11 -9.91
N TYR B 115 -8.32 13.63 -10.13
CA TYR B 115 -7.65 12.69 -9.22
C TYR B 115 -6.59 13.49 -8.50
N LEU B 116 -6.61 13.51 -7.17
CA LEU B 116 -5.66 14.27 -6.37
C LEU B 116 -4.89 13.22 -5.55
N GLN B 117 -3.57 13.37 -5.47
CA GLN B 117 -2.79 12.41 -4.67
C GLN B 117 -1.77 13.20 -3.85
N VAL B 118 -1.63 12.92 -2.57
CA VAL B 118 -0.60 13.61 -1.77
C VAL B 118 0.30 12.52 -1.14
N THR B 119 1.63 12.65 -1.25
CA THR B 119 2.50 11.65 -0.57
C THR B 119 3.38 12.38 0.44
N ARG B 120 4.01 11.63 1.33
CA ARG B 120 4.89 12.26 2.32
C ARG B 120 6.16 12.88 1.72
N GLY B 121 6.41 12.65 0.43
CA GLY B 121 7.53 13.29 -0.26
C GLY B 121 8.79 12.44 -0.38
N VAL B 122 9.90 13.10 -0.72
CA VAL B 122 11.15 12.40 -1.05
C VAL B 122 12.14 12.43 0.11
N ALA B 123 12.70 11.27 0.43
CA ALA B 123 13.82 11.18 1.41
C ALA B 123 14.63 9.93 1.24
N LYS B 124 15.75 9.86 1.96
CA LYS B 124 16.45 8.57 2.13
C LYS B 124 15.43 7.52 2.55
N ARG B 125 15.55 6.30 2.02
CA ARG B 125 14.61 5.25 2.39
C ARG B 125 14.77 4.85 3.89
N GLY B 126 13.69 4.98 4.67
CA GLY B 126 13.70 4.59 6.08
C GLY B 126 12.22 4.62 6.42
N HIS B 127 11.73 3.73 7.28
CA HIS B 127 10.30 3.60 7.36
C HIS B 127 9.60 4.79 8.09
N ALA B 128 10.23 5.27 9.17
CA ALA B 128 9.59 6.27 10.05
C ALA B 128 9.49 7.60 9.25
N PHE B 129 8.74 8.57 9.77
CA PHE B 129 8.60 9.83 9.02
C PHE B 129 9.93 10.54 8.88
N PRO B 130 10.26 11.02 7.68
CA PRO B 130 11.55 11.72 7.56
C PRO B 130 11.48 13.15 8.12
N ALA B 131 12.60 13.68 8.62
CA ALA B 131 12.57 15.03 9.16
C ALA B 131 12.32 16.08 8.07
N ASN B 132 11.56 17.11 8.43
CA ASN B 132 11.11 18.18 7.54
C ASN B 132 10.76 17.72 6.11
N ALA B 133 9.99 16.66 5.99
CA ALA B 133 9.66 16.15 4.66
C ALA B 133 8.70 17.12 4.07
N VAL B 134 8.77 17.32 2.77
CA VAL B 134 7.80 18.17 2.11
C VAL B 134 6.84 17.35 1.25
N PRO B 135 5.50 17.44 1.48
CA PRO B 135 4.65 16.52 0.73
C PRO B 135 4.69 16.75 -0.77
N THR B 136 4.55 15.65 -1.47
CA THR B 136 4.36 15.68 -2.95
C THR B 136 2.88 15.79 -3.30
N VAL B 137 2.54 16.63 -4.26
CA VAL B 137 1.12 16.71 -4.72
C VAL B 137 1.00 16.43 -6.19
N PHE B 138 0.03 15.60 -6.58
CA PHE B 138 -0.15 15.24 -7.98
C PHE B 138 -1.61 15.41 -8.31
N ALA B 139 -1.95 16.14 -9.39
CA ALA B 139 -3.37 16.24 -9.76
C ALA B 139 -3.52 16.05 -11.25
N MET B 140 -4.54 15.35 -11.67
CA MET B 140 -4.80 15.22 -13.08
C MET B 140 -6.29 15.11 -13.33
N THR B 141 -6.67 15.34 -14.58
CA THR B 141 -8.07 15.10 -14.97
C THR B 141 -8.13 13.84 -15.80
N SER B 142 -9.30 13.24 -15.89
CA SER B 142 -9.43 12.13 -16.79
C SER B 142 -10.90 12.13 -17.23
N PRO B 143 -11.20 11.68 -18.46
CA PRO B 143 -12.63 11.52 -18.76
C PRO B 143 -13.31 10.55 -17.79
N LEU B 144 -14.58 10.80 -17.49
CA LEU B 144 -15.37 9.95 -16.61
C LEU B 144 -16.51 9.37 -17.47
N ARG B 145 -16.56 8.04 -17.65
CA ARG B 145 -17.68 7.45 -18.38
C ARG B 145 -18.54 6.81 -17.28
N LEU B 146 -19.68 7.43 -17.05
CA LEU B 146 -20.61 6.88 -16.05
C LEU B 146 -21.22 5.60 -16.55
N PRO B 147 -21.70 4.74 -15.63
CA PRO B 147 -22.39 3.53 -16.12
C PRO B 147 -23.45 3.84 -17.15
N SER B 148 -23.54 2.97 -18.17
CA SER B 148 -24.53 3.06 -19.24
C SER B 148 -25.96 2.95 -18.76
N GLU B 149 -26.87 3.52 -19.56
CA GLU B 149 -28.29 3.27 -19.38
C GLU B 149 -28.58 1.75 -19.31
N GLU B 150 -27.85 0.92 -20.04
CA GLU B 150 -28.06 -0.55 -19.98
C GLU B 150 -27.54 -1.17 -18.69
N GLU B 151 -26.38 -0.71 -18.21
CA GLU B 151 -25.90 -1.19 -16.93
C GLU B 151 -26.89 -0.83 -15.86
N ARG B 152 -27.43 0.38 -15.96
CA ARG B 152 -28.47 0.71 -14.99
C ARG B 152 -29.75 -0.08 -15.12
N ALA B 153 -30.12 -0.44 -16.36
CA ALA B 153 -31.36 -1.11 -16.61
C ALA B 153 -31.27 -2.59 -16.27
N LYS B 154 -30.13 -3.18 -16.55
CA LYS B 154 -29.95 -4.62 -16.37
C LYS B 154 -29.28 -4.92 -15.03
N GLY B 155 -28.57 -3.95 -14.50
CA GLY B 155 -27.74 -4.18 -13.32
C GLY B 155 -26.43 -4.84 -13.65
N VAL B 156 -25.58 -4.98 -12.63
CA VAL B 156 -24.26 -5.57 -12.84
C VAL B 156 -24.08 -6.86 -12.06
N ARG B 157 -23.03 -7.59 -12.45
CA ARG B 157 -22.73 -8.87 -11.80
C ARG B 157 -21.61 -8.68 -10.76
N CYS B 158 -21.85 -9.19 -9.54
CA CYS B 158 -20.78 -9.15 -8.57
C CYS B 158 -20.41 -10.55 -8.13
N VAL B 159 -19.20 -10.63 -7.59
CA VAL B 159 -18.79 -11.84 -6.90
C VAL B 159 -18.42 -11.54 -5.45
N THR B 160 -18.32 -12.59 -4.60
CA THR B 160 -17.92 -12.33 -3.24
C THR B 160 -16.55 -12.97 -2.98
N ALA B 161 -15.87 -12.48 -1.98
CA ALA B 161 -14.57 -13.05 -1.56
C ALA B 161 -14.29 -12.66 -0.12
N GLU B 162 -13.39 -13.39 0.57
CA GLU B 162 -12.98 -13.00 1.93
C GLU B 162 -12.10 -11.73 1.97
N ASP B 163 -12.41 -10.80 2.89
CA ASP B 163 -11.66 -9.57 3.09
C ASP B 163 -10.30 -9.84 3.77
N ARG B 164 -9.22 -9.45 3.09
CA ARG B 164 -7.87 -9.69 3.62
C ARG B 164 -6.98 -8.47 3.40
N ASP B 170 2.16 -11.60 4.02
CA ASP B 170 2.66 -12.80 3.35
C ASP B 170 3.72 -12.47 2.28
N ILE B 171 3.81 -11.22 1.93
CA ILE B 171 4.58 -10.83 0.76
C ILE B 171 5.30 -9.52 1.10
N LYS B 172 6.48 -9.29 0.53
CA LYS B 172 7.11 -8.03 0.79
C LYS B 172 6.59 -7.04 -0.25
N SER B 173 5.46 -6.35 0.01
CA SER B 173 4.90 -5.47 -1.02
C SER B 173 5.36 -4.05 -0.80
N ILE B 174 5.14 -3.17 -1.78
CA ILE B 174 5.38 -1.74 -1.53
C ILE B 174 4.12 -0.97 -1.12
N SER B 175 3.07 -1.71 -0.72
CA SER B 175 1.92 -1.06 -0.07
C SER B 175 2.21 -1.06 1.42
N LEU B 176 3.02 -0.11 1.88
CA LEU B 176 3.61 -0.23 3.22
C LEU B 176 3.14 0.88 4.18
N LEU B 177 2.02 1.57 3.86
CA LEU B 177 1.65 2.63 4.79
C LEU B 177 1.41 2.09 6.23
N GLY B 178 0.84 0.90 6.37
CA GLY B 178 0.75 0.38 7.75
C GLY B 178 2.06 0.23 8.47
N ASN B 179 3.07 -0.32 7.77
CA ASN B 179 4.39 -0.46 8.35
C ASN B 179 5.04 0.87 8.70
N VAL B 180 4.89 1.88 7.82
CA VAL B 180 5.35 3.24 8.11
C VAL B 180 4.73 3.76 9.40
N LEU B 181 3.43 3.59 9.55
CA LEU B 181 2.79 4.14 10.73
C LEU B 181 3.28 3.41 12.00
N MET B 182 3.55 2.11 11.88
CA MET B 182 4.10 1.35 13.06
C MET B 182 5.54 1.70 13.33
N ALA B 183 6.32 1.99 12.28
CA ALA B 183 7.69 2.49 12.52
C ALA B 183 7.69 3.86 13.18
N GLN B 184 6.79 4.73 12.72
CA GLN B 184 6.66 6.05 13.32
C GLN B 184 6.14 5.96 14.74
N HIS B 185 5.22 5.02 14.98
CA HIS B 185 4.76 4.76 16.35
C HIS B 185 5.95 4.47 17.30
N ALA B 186 6.90 3.63 16.87
CA ALA B 186 8.10 3.36 17.67
C ALA B 186 8.92 4.63 17.80
N ALA B 187 9.16 5.35 16.69
CA ALA B 187 9.96 6.57 16.75
C ALA B 187 9.38 7.56 17.75
N GLU B 188 8.05 7.74 17.77
CA GLU B 188 7.40 8.71 18.65
C GLU B 188 7.72 8.41 20.09
N ARG B 189 7.93 7.13 20.35
CA ARG B 189 8.16 6.63 21.72
C ARG B 189 9.64 6.35 22.00
N ASP B 190 10.53 6.81 21.10
CA ASP B 190 11.99 6.62 21.27
C ASP B 190 12.35 5.14 21.41
N ALA B 191 11.56 4.32 20.73
CA ALA B 191 11.81 2.90 20.69
C ALA B 191 12.45 2.44 19.38
N PHE B 192 13.11 1.29 19.42
CA PHE B 192 13.74 0.72 18.23
C PHE B 192 12.78 0.13 17.23
N GLU B 193 11.67 -0.44 17.73
CA GLU B 193 10.78 -1.18 16.85
C GLU B 193 9.45 -1.31 17.59
N THR B 194 8.37 -1.48 16.83
CA THR B 194 7.04 -1.84 17.37
C THR B 194 6.76 -3.30 17.07
N ILE B 195 6.50 -4.06 18.12
CA ILE B 195 6.09 -5.45 17.98
C ILE B 195 4.57 -5.45 18.01
N GLN B 196 3.97 -5.98 16.96
CA GLN B 196 2.54 -5.84 16.78
C GLN B 196 1.89 -7.08 17.39
N LEU B 197 0.71 -6.85 17.96
CA LEU B 197 -0.16 -7.91 18.50
C LEU B 197 -1.48 -7.96 17.72
N ARG B 198 -1.94 -9.17 17.40
CA ARG B 198 -3.30 -9.30 16.87
C ARG B 198 -4.02 -10.43 17.63
N ASP B 199 -5.23 -10.15 18.13
CA ASP B 199 -5.94 -11.14 18.92
C ASP B 199 -5.04 -11.62 20.08
N GLU B 200 -4.27 -10.68 20.63
CA GLU B 200 -3.35 -10.92 21.75
C GLU B 200 -2.31 -11.97 21.42
N ASN B 201 -2.02 -12.16 20.12
CA ASN B 201 -0.85 -12.94 19.69
C ASN B 201 0.16 -12.11 18.89
N VAL B 202 1.44 -12.40 19.08
CA VAL B 202 2.49 -11.65 18.34
C VAL B 202 2.35 -11.87 16.82
N THR B 203 2.44 -10.80 16.03
CA THR B 203 2.58 -10.99 14.58
C THR B 203 4.03 -10.71 14.14
N GLU B 204 4.37 -9.45 13.87
CA GLU B 204 5.72 -9.09 13.47
C GLU B 204 6.02 -7.64 13.85
N GLY B 205 7.26 -7.20 13.60
CA GLY B 205 7.64 -5.80 13.81
C GLY B 205 7.28 -5.01 12.55
N SER B 206 7.43 -3.69 12.62
CA SER B 206 7.20 -2.87 11.43
C SER B 206 8.18 -3.23 10.31
N SER B 207 9.36 -3.69 10.68
CA SER B 207 10.36 -4.06 9.67
C SER B 207 11.25 -5.17 10.18
N SER B 208 10.67 -6.07 10.97
CA SER B 208 11.51 -7.22 11.45
C SER B 208 10.63 -8.37 11.90
N ASN B 209 11.24 -9.54 11.96
CA ASN B 209 10.56 -10.70 12.51
C ASN B 209 10.91 -10.81 13.99
N VAL B 210 9.94 -11.35 14.78
CA VAL B 210 10.07 -11.43 16.24
C VAL B 210 10.23 -12.88 16.70
N TRP B 211 11.11 -13.09 17.68
CA TRP B 211 11.38 -14.42 18.22
C TRP B 211 11.37 -14.32 19.71
N ILE B 212 10.91 -15.37 20.40
CA ILE B 212 11.16 -15.43 21.83
C ILE B 212 11.84 -16.73 22.28
N VAL B 213 12.36 -16.67 23.50
CA VAL B 213 13.00 -17.82 24.12
C VAL B 213 12.33 -18.06 25.47
N LYS B 214 12.01 -19.34 25.75
CA LYS B 214 11.51 -19.72 27.06
C LYS B 214 12.07 -21.11 27.38
N ASN B 215 12.68 -21.26 28.55
CA ASN B 215 13.29 -22.52 28.97
C ASN B 215 14.21 -23.14 27.91
N GLY B 216 15.00 -22.28 27.30
CA GLY B 216 16.08 -22.65 26.38
C GLY B 216 15.61 -23.05 25.01
N GLU B 217 14.31 -22.87 24.75
CA GLU B 217 13.67 -23.20 23.48
C GLU B 217 13.28 -21.94 22.71
N LEU B 218 13.41 -21.99 21.37
CA LEU B 218 13.22 -20.84 20.50
C LEU B 218 11.82 -20.94 19.85
N PHE B 219 11.09 -19.81 19.82
CA PHE B 219 9.75 -19.76 19.25
C PHE B 219 9.58 -18.61 18.29
N ALA B 220 8.78 -18.83 17.26
CA ALA B 220 8.35 -17.72 16.37
C ALA B 220 6.91 -17.92 15.94
N PRO B 221 6.18 -16.83 15.56
CA PRO B 221 4.79 -17.07 15.16
C PRO B 221 4.67 -17.95 13.92
N PRO B 222 3.57 -18.69 13.76
CA PRO B 222 3.49 -19.58 12.60
C PRO B 222 3.47 -18.82 11.26
N ARG B 223 3.88 -19.49 10.18
CA ARG B 223 3.97 -18.86 8.87
C ARG B 223 2.61 -18.34 8.38
N TYR B 233 11.98 -17.46 9.43
CA TYR B 233 13.19 -17.49 8.61
C TYR B 233 13.73 -18.89 8.49
N ALA B 234 13.88 -19.37 7.26
CA ALA B 234 14.71 -20.52 7.06
C ALA B 234 16.06 -20.20 7.72
N LEU B 235 16.59 -18.97 7.65
CA LEU B 235 18.00 -18.79 8.14
C LEU B 235 18.11 -19.00 9.67
N VAL B 236 17.27 -18.32 10.44
CA VAL B 236 17.33 -18.48 11.90
C VAL B 236 17.00 -19.92 12.31
N GLU B 237 16.05 -20.56 11.61
CA GLU B 237 15.85 -21.98 11.84
C GLU B 237 17.14 -22.83 11.59
N GLN B 238 17.88 -22.52 10.52
CA GLN B 238 19.15 -23.16 10.28
C GLN B 238 20.12 -22.88 11.42
N LEU B 239 20.16 -21.65 11.89
CA LEU B 239 21.12 -21.30 12.92
C LEU B 239 20.79 -22.08 14.20
N ALA B 240 19.50 -22.11 14.56
CA ALA B 240 19.04 -22.89 15.73
C ALA B 240 19.48 -24.36 15.64
N ASP B 241 19.29 -24.94 14.44
CA ASP B 241 19.60 -26.35 14.21
C ASP B 241 21.11 -26.59 14.44
N GLU B 242 21.91 -25.65 13.96
CA GLU B 242 23.38 -25.77 14.07
C GLU B 242 23.83 -25.75 15.53
N CYS B 243 23.06 -25.03 16.36
CA CYS B 243 23.37 -24.83 17.77
C CYS B 243 22.73 -25.89 18.65
N GLY B 244 21.89 -26.74 18.08
CA GLY B 244 21.25 -27.71 18.94
C GLY B 244 20.06 -27.13 19.71
N ILE B 245 19.54 -26.01 19.26
CA ILE B 245 18.47 -25.31 20.01
C ILE B 245 17.12 -25.66 19.37
N ARG B 246 16.18 -26.20 20.16
CA ARG B 246 14.91 -26.60 19.60
C ARG B 246 14.10 -25.40 19.17
N PHE B 247 13.51 -25.47 17.99
CA PHE B 247 12.70 -24.38 17.48
C PHE B 247 11.30 -24.90 17.16
N VAL B 248 10.30 -24.07 17.48
CA VAL B 248 8.88 -24.38 17.27
C VAL B 248 8.19 -23.15 16.76
N ALA B 249 7.47 -23.29 15.65
CA ALA B 249 6.63 -22.21 15.17
C ALA B 249 5.23 -22.42 15.75
N ARG B 250 4.79 -21.47 16.58
CA ARG B 250 3.46 -21.59 17.16
C ARG B 250 3.02 -20.21 17.64
N GLU B 251 1.74 -20.00 17.91
CA GLU B 251 1.35 -18.69 18.36
C GLU B 251 1.99 -18.32 19.67
N ILE B 252 2.45 -17.08 19.73
CA ILE B 252 3.06 -16.55 20.93
C ILE B 252 2.11 -15.51 21.53
N SER B 253 1.55 -15.75 22.71
CA SER B 253 0.61 -14.78 23.28
C SER B 253 1.31 -13.54 23.83
N GLU B 254 0.51 -12.50 24.06
CA GLU B 254 1.03 -11.28 24.67
C GLU B 254 1.66 -11.66 26.06
N VAL B 255 0.98 -12.52 26.82
CA VAL B 255 1.49 -12.91 28.14
C VAL B 255 2.87 -13.60 28.02
N GLU B 256 3.00 -14.47 27.03
CA GLU B 256 4.23 -15.21 26.81
C GLU B 256 5.35 -14.27 26.36
N LEU B 257 4.99 -13.32 25.52
CA LEU B 257 5.95 -12.28 25.07
C LEU B 257 6.49 -11.54 26.30
N ARG B 258 5.60 -11.10 27.17
CA ARG B 258 6.02 -10.23 28.26
C ARG B 258 6.78 -10.99 29.33
N SER B 259 6.63 -12.32 29.39
CA SER B 259 7.33 -13.08 30.40
C SER B 259 8.46 -13.94 29.78
N ALA B 260 8.82 -13.66 28.51
CA ALA B 260 9.83 -14.42 27.78
C ALA B 260 11.19 -14.36 28.49
N ASP B 261 12.00 -15.43 28.38
CA ASP B 261 13.38 -15.37 28.87
C ASP B 261 14.22 -14.44 27.99
N GLU B 262 14.00 -14.46 26.69
CA GLU B 262 14.69 -13.53 25.75
C GLU B 262 13.68 -13.14 24.71
N ILE B 263 13.89 -11.96 24.12
CA ILE B 263 13.17 -11.54 22.90
C ILE B 263 14.19 -11.10 21.88
N MET B 264 14.01 -11.43 20.60
CA MET B 264 14.96 -11.00 19.53
C MET B 264 14.19 -10.52 18.30
N LEU B 265 14.88 -9.69 17.51
CA LEU B 265 14.35 -9.22 16.23
C LEU B 265 15.34 -9.66 15.15
N THR B 266 14.83 -9.96 13.94
CA THR B 266 15.73 -10.29 12.81
C THR B 266 15.27 -9.56 11.57
N SER B 267 16.23 -9.22 10.70
CA SER B 267 15.88 -8.80 9.36
C SER B 267 17.18 -8.80 8.58
N ALA B 268 17.07 -8.66 7.26
CA ALA B 268 18.35 -8.68 6.49
C ALA B 268 19.33 -7.57 6.98
N THR B 269 18.83 -6.42 7.38
CA THR B 269 19.71 -5.30 7.70
C THR B 269 20.03 -5.16 9.19
N LYS B 270 19.24 -5.82 10.02
CA LYS B 270 19.44 -5.85 11.47
C LYS B 270 20.28 -7.10 11.92
N GLU B 271 20.40 -8.09 11.02
CA GLU B 271 20.89 -9.44 11.36
C GLU B 271 20.00 -9.98 12.51
N ILE B 272 20.55 -10.17 13.70
CA ILE B 272 19.74 -10.57 14.87
C ILE B 272 20.15 -9.67 16.01
N LEU B 273 19.17 -9.19 16.77
CA LEU B 273 19.39 -8.28 17.89
C LEU B 273 18.58 -8.68 19.08
N PRO B 274 19.09 -8.43 20.29
CA PRO B 274 18.33 -8.79 21.47
C PRO B 274 17.43 -7.64 21.92
N VAL B 275 16.19 -7.93 22.32
CA VAL B 275 15.31 -6.91 22.86
C VAL B 275 15.37 -7.02 24.39
N THR B 276 15.76 -5.96 25.08
CA THR B 276 15.99 -6.11 26.54
C THR B 276 14.98 -5.26 27.36
N SER B 277 14.23 -4.43 26.65
CA SER B 277 13.15 -3.64 27.27
CA SER B 277 13.17 -3.64 27.28
C SER B 277 11.92 -3.74 26.42
N LEU B 278 10.76 -3.92 27.06
CA LEU B 278 9.50 -3.99 26.29
C LEU B 278 8.43 -3.13 27.00
N ASP B 279 7.96 -2.07 26.30
CA ASP B 279 7.09 -1.09 26.95
C ASP B 279 7.57 -0.68 28.34
N ASP B 280 8.84 -0.32 28.48
CA ASP B 280 9.35 0.14 29.78
C ASP B 280 9.36 -0.90 30.91
N LEU B 281 9.36 -2.18 30.56
CA LEU B 281 9.59 -3.23 31.56
C LEU B 281 10.77 -4.02 31.05
N PRO B 282 11.65 -4.48 31.95
CA PRO B 282 12.77 -5.28 31.42
C PRO B 282 12.31 -6.62 30.89
N VAL B 283 13.06 -7.15 29.94
CA VAL B 283 12.89 -8.51 29.52
C VAL B 283 13.74 -9.40 30.40
N GLN B 284 13.09 -10.15 31.28
CA GLN B 284 13.78 -10.84 32.37
C GLN B 284 14.69 -9.90 33.11
N GLY B 285 15.99 -10.18 33.07
CA GLY B 285 16.91 -9.35 33.83
C GLY B 285 17.29 -8.04 33.16
N GLY B 286 16.84 -7.83 31.93
CA GLY B 286 17.24 -6.65 31.18
C GLY B 286 18.53 -6.74 30.37
N LYS B 287 19.16 -7.93 30.32
CA LYS B 287 20.41 -8.05 29.56
C LYS B 287 20.25 -9.14 28.47
N PRO B 288 20.99 -9.03 27.37
CA PRO B 288 20.87 -10.09 26.34
C PRO B 288 21.21 -11.47 26.94
N GLY B 289 20.53 -12.53 26.49
CA GLY B 289 20.76 -13.87 27.02
C GLY B 289 21.58 -14.75 26.12
N PRO B 290 21.75 -16.01 26.53
CA PRO B 290 22.66 -16.98 25.91
C PRO B 290 22.18 -17.53 24.58
N VAL B 291 20.86 -17.59 24.35
CA VAL B 291 20.39 -18.02 23.05
C VAL B 291 20.68 -16.91 22.01
N PHE B 292 20.48 -15.65 22.39
CA PHE B 292 20.89 -14.60 21.48
C PHE B 292 22.37 -14.74 21.14
N ALA B 293 23.20 -14.95 22.16
CA ALA B 293 24.63 -14.96 21.93
C ALA B 293 24.94 -16.09 20.95
N ALA B 294 24.28 -17.25 21.14
CA ALA B 294 24.56 -18.40 20.28
C ALA B 294 24.12 -18.14 18.87
N LEU B 295 22.92 -17.57 18.67
CA LEU B 295 22.38 -17.37 17.31
C LEU B 295 23.12 -16.28 16.62
N TYR B 296 23.57 -15.30 17.40
CA TYR B 296 24.29 -14.21 16.75
C TYR B 296 25.64 -14.74 16.24
N ASP B 297 26.31 -15.54 17.04
CA ASP B 297 27.61 -16.08 16.58
C ASP B 297 27.38 -17.01 15.42
N ALA B 298 26.27 -17.76 15.42
CA ALA B 298 26.01 -18.63 14.26
C ALA B 298 25.78 -17.81 12.98
N TYR B 299 25.08 -16.68 13.12
CA TYR B 299 24.84 -15.74 12.00
C TYR B 299 26.23 -15.32 11.44
N GLN B 300 27.17 -15.02 12.31
CA GLN B 300 28.46 -14.58 11.83
C GLN B 300 29.23 -15.73 11.13
N ARG B 301 29.05 -16.96 11.63
CA ARG B 301 29.67 -18.12 10.98
C ARG B 301 29.04 -18.36 9.60
N ALA B 302 27.72 -18.15 9.49
CA ALA B 302 27.14 -18.28 8.15
C ALA B 302 27.76 -17.27 7.15
N LYS B 303 27.99 -16.05 7.62
CA LYS B 303 28.67 -15.02 6.80
C LYS B 303 30.12 -15.44 6.52
N ALA B 304 30.80 -15.95 7.52
CA ALA B 304 32.16 -16.39 7.35
C ALA B 304 32.28 -17.44 6.26
N ARG B 305 31.31 -18.37 6.24
CA ARG B 305 31.35 -19.44 5.26
C ARG B 305 31.09 -18.88 3.85
N GLU B 306 30.16 -17.94 3.75
CA GLU B 306 29.94 -17.36 2.41
C GLU B 306 31.19 -16.63 1.94
N PHE B 307 31.86 -15.91 2.85
CA PHE B 307 33.13 -15.28 2.47
C PHE B 307 34.20 -16.27 2.02
N GLU B 308 34.35 -17.39 2.72
CA GLU B 308 35.34 -18.39 2.37
C GLU B 308 35.03 -18.99 0.99
N GLN B 309 33.75 -19.24 0.71
CA GLN B 309 33.39 -19.75 -0.61
C GLN B 309 33.69 -18.72 -1.71
N PHE B 310 33.37 -17.46 -1.43
CA PHE B 310 33.71 -16.37 -2.33
C PHE B 310 35.22 -16.27 -2.59
N ASP B 311 36.01 -16.40 -1.52
CA ASP B 311 37.47 -16.28 -1.63
C ASP B 311 38.01 -17.39 -2.49
N LEU B 312 37.42 -18.57 -2.39
CA LEU B 312 37.88 -19.71 -3.18
C LEU B 312 37.60 -19.59 -4.69
N THR B 313 36.52 -18.91 -5.05
CA THR B 313 36.13 -18.74 -6.43
C THR B 313 36.74 -17.45 -6.97
N ARG B 314 37.56 -16.81 -6.13
CA ARG B 314 38.19 -15.54 -6.46
C ARG B 314 39.68 -15.63 -6.13
P PO4 C . 14.30 -10.55 6.10
O1 PO4 C . 15.15 -11.16 5.03
O2 PO4 C . 12.84 -10.62 5.75
O3 PO4 C . 14.63 -11.35 7.35
O4 PO4 C . 14.59 -9.07 6.21
P PO4 D . -16.67 7.62 -2.55
O1 PO4 D . -15.82 7.04 -1.45
O2 PO4 D . -16.19 7.17 -3.89
O3 PO4 D . -16.64 9.12 -2.48
O4 PO4 D . -18.10 7.17 -2.33
#